data_5MWM
#
_entry.id   5MWM
#
_cell.length_a   60.550
_cell.length_b   71.637
_cell.length_c   61.822
_cell.angle_alpha   90.00
_cell.angle_beta   111.66
_cell.angle_gamma   90.00
#
_symmetry.space_group_name_H-M   'P 1 21 1'
#
loop_
_entity.id
_entity.type
_entity.pdbx_description
1 polymer 'Inositol-pentakisphosphate 2-kinase'
2 non-polymer 'INOSITOL HEXAKISPHOSPHATE'
3 non-polymer 'ZINC ION'
4 water water
#
_entity_poly.entity_id   1
_entity_poly.type   'polypeptide(L)'
_entity_poly.pdbx_seq_one_letter_code
;GEFMEEGKMDENEWSYHGEGNKSLVVAHAQRCVVLRFLKFPPNKKKTSEEILQHLQNIVDFGKNVMKDFLGENYVHCGEV
VQLPLEFVKQLCLKIQCERPESRCDKDLDTFSGYAMCLPNLTRLQTFHFAEHRPILCVEIKPKCGFIPFSNDVTHEMKHK
VCRYCMHQHLKVATGKWKKISKYCPLDLYSGNKQRMHFALRSLLQETQNNLRIFKNGELIYGCGDARSPVADLKELAHHL
KPFFFPSNGLASGPHCTKAVIRELVHVITRVLLSSSEKARAGALRLGLQGPRVCEASPFSRSLHNQGKNTSEHSGLPKGC
LLYKTLQVQMLDQLDIEGLYPLYKRVEQYLEEFPEERKTLQIDGPYDEVFYQKLLDLSTEDDGTVAFALTKVQQYRVAMT
AKDCSIMIALSPCLQGTSSDQRPVIPSSRSRLAFSVSVLDLDLKPYESIPHQYKLDSKIVNYYSKTVHAKD
;
_entity_poly.pdbx_strand_id   A
#
# COMPACT_ATOMS: atom_id res chain seq x y z
N GLU A 13 -5.11 -26.14 -11.74
CA GLU A 13 -5.65 -25.93 -10.35
C GLU A 13 -5.38 -24.54 -9.72
N TRP A 14 -4.40 -23.80 -10.24
CA TRP A 14 -4.08 -22.43 -9.80
C TRP A 14 -4.21 -21.46 -10.97
N SER A 15 -4.54 -20.20 -10.67
CA SER A 15 -4.69 -19.16 -11.69
C SER A 15 -3.98 -17.88 -11.28
N TYR A 16 -3.48 -17.15 -12.28
CA TYR A 16 -2.93 -15.79 -12.11
C TYR A 16 -3.94 -14.90 -11.40
N HIS A 17 -3.47 -14.12 -10.42
CA HIS A 17 -4.35 -13.21 -9.66
C HIS A 17 -3.91 -11.73 -9.62
N GLY A 18 -2.74 -11.41 -10.18
CA GLY A 18 -2.22 -10.05 -10.20
C GLY A 18 -0.77 -10.01 -9.79
N GLU A 19 -0.15 -8.83 -9.93
CA GLU A 19 1.22 -8.64 -9.46
C GLU A 19 1.60 -7.16 -9.29
N GLY A 20 2.70 -6.93 -8.57
CA GLY A 20 3.47 -5.69 -8.58
C GLY A 20 4.86 -6.06 -9.07
N ASN A 21 5.85 -5.19 -8.87
CA ASN A 21 7.23 -5.51 -9.30
C ASN A 21 8.07 -6.25 -8.25
N LYS A 22 7.57 -6.35 -7.02
CA LYS A 22 8.23 -7.12 -5.95
C LYS A 22 7.74 -8.56 -5.84
N SER A 23 6.48 -8.79 -6.19
CA SER A 23 5.85 -10.09 -5.98
C SER A 23 4.87 -10.46 -7.08
N LEU A 24 4.37 -11.70 -7.02
CA LEU A 24 3.30 -12.19 -7.90
C LEU A 24 2.30 -13.01 -7.07
N VAL A 25 1.00 -12.80 -7.30
CA VAL A 25 -0.05 -13.58 -6.63
C VAL A 25 -0.79 -14.51 -7.61
N VAL A 26 -0.98 -15.76 -7.19
CA VAL A 26 -1.81 -16.72 -7.90
C VAL A 26 -2.85 -17.27 -6.92
N ALA A 27 -4.09 -17.41 -7.37
CA ALA A 27 -5.21 -17.84 -6.51
C ALA A 27 -5.53 -19.32 -6.69
N HIS A 28 -5.92 -19.97 -5.59
CA HIS A 28 -6.46 -21.32 -5.63
C HIS A 28 -7.97 -21.21 -5.81
N ALA A 29 -8.47 -21.87 -6.85
CA ALA A 29 -9.91 -21.95 -7.10
C ALA A 29 -10.64 -22.70 -5.98
N GLN A 30 -9.99 -23.70 -5.39
CA GLN A 30 -10.57 -24.53 -4.33
C GLN A 30 -10.08 -24.12 -2.94
N CYS A 32 -9.36 -21.48 -0.69
CA CYS A 32 -9.43 -20.03 -0.54
C CYS A 32 -8.09 -19.48 0.00
N VAL A 33 -7.03 -19.73 -0.75
CA VAL A 33 -5.69 -19.25 -0.41
C VAL A 33 -4.92 -18.90 -1.68
N VAL A 34 -4.06 -17.89 -1.57
CA VAL A 34 -3.21 -17.46 -2.69
C VAL A 34 -1.76 -17.80 -2.36
N LEU A 35 -0.86 -17.53 -3.31
CA LEU A 35 0.57 -17.69 -3.09
C LEU A 35 1.37 -16.49 -3.63
N ARG A 36 2.07 -15.81 -2.72
CA ARG A 36 2.91 -14.66 -3.04
C ARG A 36 4.30 -15.19 -3.41
N PHE A 37 4.66 -15.06 -4.69
CA PHE A 37 5.99 -15.44 -5.20
C PHE A 37 6.83 -14.21 -5.45
N LEU A 38 8.09 -14.25 -5.04
CA LEU A 38 9.04 -13.17 -5.39
C LEU A 38 9.34 -13.19 -6.89
N LYS A 39 10.01 -12.15 -7.38
CA LYS A 39 10.39 -12.04 -8.79
C LYS A 39 11.67 -11.24 -8.98
N PHE A 40 12.70 -11.87 -9.54
CA PHE A 40 13.98 -11.22 -9.84
C PHE A 40 14.20 -11.11 -11.35
N PRO A 41 15.20 -10.32 -11.79
CA PRO A 41 15.56 -10.30 -13.22
C PRO A 41 16.31 -11.58 -13.68
N PRO A 42 16.69 -11.64 -14.97
CA PRO A 42 17.65 -12.66 -15.43
C PRO A 42 19.10 -12.20 -15.23
N LYS A 45 18.95 -14.28 -9.08
CA LYS A 45 20.33 -13.91 -8.78
C LYS A 45 20.75 -14.17 -7.31
N LYS A 46 19.77 -14.42 -6.42
CA LYS A 46 20.02 -14.72 -5.00
C LYS A 46 20.10 -16.22 -4.72
N THR A 47 20.41 -16.59 -3.47
CA THR A 47 20.48 -18.00 -3.04
C THR A 47 19.23 -18.41 -2.27
N SER A 48 19.03 -19.72 -2.14
CA SER A 48 17.84 -20.31 -1.49
C SER A 48 17.76 -19.98 -0.01
N GLU A 49 18.92 -19.96 0.65
CA GLU A 49 19.07 -19.49 2.03
C GLU A 49 18.63 -18.03 2.19
N GLU A 50 19.02 -17.20 1.22
CA GLU A 50 18.71 -15.76 1.21
C GLU A 50 17.22 -15.50 1.08
N ILE A 51 16.56 -16.24 0.20
CA ILE A 51 15.14 -16.05 -0.11
C ILE A 51 14.22 -16.47 1.05
N LEU A 52 14.64 -17.47 1.84
CA LEU A 52 13.90 -17.83 3.05
C LEU A 52 13.81 -16.65 4.01
N GLN A 53 14.97 -16.11 4.36
CA GLN A 53 15.06 -15.01 5.34
C GLN A 53 14.22 -13.81 4.93
N HIS A 54 14.30 -13.46 3.65
CA HIS A 54 13.51 -12.37 3.10
C HIS A 54 12.02 -12.59 3.38
N LEU A 55 11.50 -13.74 2.94
CA LEU A 55 10.08 -14.09 3.16
C LEU A 55 9.74 -14.22 4.64
N GLN A 56 10.67 -14.78 5.41
CA GLN A 56 10.50 -14.95 6.85
C GLN A 56 10.43 -13.60 7.57
N ASN A 57 11.24 -12.64 7.13
CA ASN A 57 11.22 -11.27 7.67
C ASN A 57 9.88 -10.57 7.42
N ILE A 58 9.28 -10.84 6.27
CA ILE A 58 7.99 -10.25 5.92
C ILE A 58 6.91 -10.74 6.90
N VAL A 59 6.99 -12.02 7.27
CA VAL A 59 6.07 -12.60 8.26
C VAL A 59 6.33 -11.95 9.61
N ASP A 60 7.59 -12.01 10.06
CA ASP A 60 8.02 -11.34 11.29
C ASP A 60 7.52 -9.91 11.36
N PHE A 61 7.88 -9.12 10.34
CA PHE A 61 7.53 -7.71 10.30
C PHE A 61 6.03 -7.52 10.48
N GLY A 62 5.25 -8.21 9.66
CA GLY A 62 3.79 -8.18 9.73
C GLY A 62 3.19 -8.38 11.11
N LYS A 63 3.59 -9.45 11.80
CA LYS A 63 3.02 -9.76 13.13
C LYS A 63 3.72 -9.11 14.33
N ASN A 64 4.94 -8.59 14.16
CA ASN A 64 5.65 -7.89 15.24
C ASN A 64 5.58 -6.37 15.19
N VAL A 65 5.33 -5.80 14.00
CA VAL A 65 5.33 -4.35 13.81
C VAL A 65 3.96 -3.83 13.33
N MET A 66 3.49 -4.34 12.21
CA MET A 66 2.26 -3.83 11.60
C MET A 66 1.01 -4.24 12.33
N LYS A 67 1.00 -5.47 12.84
CA LYS A 67 -0.11 -5.96 13.68
C LYS A 67 -0.35 -5.05 14.88
N ASP A 68 0.71 -4.45 15.41
CA ASP A 68 0.61 -3.40 16.44
C ASP A 68 0.00 -2.11 15.91
N PHE A 69 0.60 -1.59 14.84
CA PHE A 69 0.22 -0.29 14.33
C PHE A 69 -1.19 -0.23 13.73
N LEU A 70 -1.62 -1.31 13.10
CA LEU A 70 -2.89 -1.32 12.37
C LEU A 70 -4.00 -2.20 12.95
N GLY A 71 -3.69 -2.97 14.01
CA GLY A 71 -4.68 -3.86 14.63
C GLY A 71 -4.60 -5.30 14.13
N GLU A 72 -5.03 -6.22 14.99
CA GLU A 72 -4.84 -7.66 14.77
C GLU A 72 -5.68 -8.23 13.64
N ASN A 73 -6.90 -7.71 13.49
CA ASN A 73 -7.83 -8.19 12.45
C ASN A 73 -7.65 -7.52 11.08
N TYR A 74 -7.06 -6.33 11.03
CA TYR A 74 -6.79 -5.67 9.74
C TYR A 74 -5.63 -6.33 9.00
N VAL A 75 -4.54 -6.57 9.71
CA VAL A 75 -3.36 -7.20 9.12
C VAL A 75 -3.52 -8.72 9.25
N HIS A 76 -3.59 -9.39 8.11
CA HIS A 76 -3.62 -10.84 8.06
C HIS A 76 -2.34 -11.31 7.45
N CYS A 77 -1.76 -12.33 8.05
CA CYS A 77 -0.57 -12.96 7.55
C CYS A 77 -0.81 -14.47 7.47
N GLY A 78 0.00 -15.13 6.65
CA GLY A 78 0.06 -16.58 6.62
C GLY A 78 1.52 -16.99 6.56
N GLU A 79 1.81 -18.20 7.01
CA GLU A 79 3.19 -18.65 7.19
C GLU A 79 3.91 -18.93 5.86
N VAL A 80 5.22 -19.17 5.94
CA VAL A 80 6.04 -19.45 4.75
C VAL A 80 5.91 -20.93 4.42
N VAL A 81 5.86 -21.27 3.13
CA VAL A 81 5.78 -22.66 2.68
C VAL A 81 6.89 -23.01 1.69
N GLN A 82 7.22 -24.31 1.65
CA GLN A 82 8.19 -24.88 0.73
C GLN A 82 7.42 -25.80 -0.20
N LEU A 83 7.75 -25.75 -1.49
CA LEU A 83 7.03 -26.54 -2.50
C LEU A 83 8.01 -27.24 -3.48
N PRO A 84 7.53 -28.29 -4.17
CA PRO A 84 8.30 -28.94 -5.24
C PRO A 84 8.77 -27.96 -6.34
N LEU A 85 10.05 -28.05 -6.69
CA LEU A 85 10.66 -27.12 -7.65
C LEU A 85 10.19 -27.34 -9.09
N GLU A 86 9.81 -28.57 -9.43
CA GLU A 86 9.22 -28.86 -10.74
C GLU A 86 7.83 -28.24 -10.83
N PHE A 87 7.08 -28.26 -9.72
CA PHE A 87 5.74 -27.64 -9.63
C PHE A 87 5.77 -26.12 -9.84
N VAL A 88 6.84 -25.46 -9.39
CA VAL A 88 7.03 -24.01 -9.62
C VAL A 88 7.41 -23.77 -11.09
N LYS A 89 8.20 -24.67 -11.68
CA LYS A 89 8.47 -24.65 -13.12
C LYS A 89 7.21 -24.94 -13.96
N GLN A 90 6.38 -25.87 -13.49
CA GLN A 90 5.14 -26.27 -14.20
C GLN A 90 3.96 -25.29 -14.08
N LEU A 91 4.04 -24.33 -13.17
CA LEU A 91 3.06 -23.23 -13.10
C LEU A 91 3.53 -21.98 -13.86
N CYS A 92 4.84 -21.70 -13.79
CA CYS A 92 5.44 -20.49 -14.38
C CYS A 92 5.20 -20.34 -15.89
N LEU A 93 5.32 -21.45 -16.64
CA LEU A 93 5.10 -21.45 -18.10
C LEU A 93 3.65 -21.08 -18.54
N LYS A 94 2.67 -21.60 -17.80
CA LYS A 94 1.24 -21.31 -18.02
C LYS A 94 0.89 -19.84 -17.85
N ILE A 95 1.45 -19.24 -16.79
CA ILE A 95 1.13 -17.88 -16.37
C ILE A 95 1.56 -16.79 -17.38
N GLN A 96 2.69 -17.00 -18.07
CA GLN A 96 3.33 -15.92 -18.86
C GLN A 96 2.40 -15.17 -19.84
N CYS A 97 1.38 -15.85 -20.38
CA CYS A 97 0.36 -15.20 -21.20
C CYS A 97 -0.51 -14.22 -20.42
N GLU A 98 -0.80 -14.54 -19.15
CA GLU A 98 -1.63 -13.69 -18.27
C GLU A 98 -0.93 -12.39 -17.85
N ARG A 99 0.38 -12.45 -17.63
CA ARG A 99 1.13 -11.32 -17.06
C ARG A 99 1.22 -10.19 -18.08
N PRO A 100 0.92 -8.94 -17.66
CA PRO A 100 1.13 -7.78 -18.52
C PRO A 100 2.53 -7.68 -19.12
N GLU A 101 2.61 -7.12 -20.32
CA GLU A 101 3.88 -6.98 -21.03
C GLU A 101 4.81 -6.03 -20.27
N SER A 102 4.21 -5.02 -19.63
CA SER A 102 4.92 -4.09 -18.74
C SER A 102 5.79 -4.82 -17.70
N ARG A 103 5.23 -5.85 -17.05
CA ARG A 103 5.91 -6.57 -15.97
C ARG A 103 6.54 -7.91 -16.37
N CYS A 104 6.76 -8.12 -17.66
CA CYS A 104 7.51 -9.28 -18.15
C CYS A 104 9.03 -9.02 -18.21
N ASP A 105 9.47 -7.88 -17.68
CA ASP A 105 10.90 -7.56 -17.52
C ASP A 105 11.55 -8.53 -16.55
N LYS A 106 10.85 -8.80 -15.44
CA LYS A 106 11.37 -9.64 -14.36
C LYS A 106 10.73 -11.02 -14.41
N ASP A 107 11.50 -12.07 -14.14
CA ASP A 107 11.01 -13.45 -14.14
C ASP A 107 10.51 -13.85 -12.75
N LEU A 108 9.78 -14.95 -12.68
CA LEU A 108 9.28 -15.51 -11.42
C LEU A 108 10.38 -16.26 -10.65
N ASP A 109 10.24 -16.27 -9.33
CA ASP A 109 11.09 -17.09 -8.45
C ASP A 109 10.81 -18.57 -8.69
N THR A 110 11.55 -19.15 -9.64
CA THR A 110 11.36 -20.54 -10.07
C THR A 110 12.31 -21.53 -9.39
N PHE A 111 13.51 -21.07 -9.02
CA PHE A 111 14.59 -21.95 -8.53
C PHE A 111 14.53 -22.27 -7.02
N SER A 112 14.07 -21.33 -6.19
CA SER A 112 14.12 -21.49 -4.73
C SER A 112 13.18 -22.55 -4.16
N GLY A 113 11.97 -22.63 -4.72
CA GLY A 113 10.94 -23.55 -4.23
C GLY A 113 10.12 -23.03 -3.06
N TYR A 114 10.45 -21.83 -2.57
CA TYR A 114 9.74 -21.19 -1.45
C TYR A 114 8.66 -20.26 -1.98
N ALA A 115 7.60 -20.12 -1.19
CA ALA A 115 6.54 -19.15 -1.47
C ALA A 115 5.82 -18.82 -0.17
N MET A 116 4.94 -17.84 -0.20
CA MET A 116 4.21 -17.41 0.99
C MET A 116 2.71 -17.50 0.73
N CYS A 117 2.00 -18.10 1.68
CA CYS A 117 0.57 -18.40 1.53
C CYS A 117 -0.27 -17.45 2.37
N LEU A 118 -0.89 -16.45 1.73
CA LEU A 118 -1.87 -15.58 2.39
C LEU A 118 -3.27 -16.08 2.09
N PRO A 119 -4.21 -15.92 3.06
CA PRO A 119 -5.60 -16.28 2.77
C PRO A 119 -6.20 -15.34 1.72
N ASN A 120 -7.01 -15.90 0.83
CA ASN A 120 -7.56 -15.12 -0.29
C ASN A 120 -8.71 -14.26 0.23
N LEU A 121 -8.49 -12.94 0.23
CA LEU A 121 -9.46 -11.98 0.77
C LEU A 121 -10.62 -11.71 -0.19
N THR A 122 -10.39 -12.00 -1.47
CA THR A 122 -11.43 -11.90 -2.51
C THR A 122 -12.53 -12.96 -2.38
N ARG A 123 -12.18 -14.16 -1.93
CA ARG A 123 -13.13 -15.28 -1.75
C ARG A 123 -13.74 -15.33 -0.34
N LEU A 124 -12.93 -15.14 0.70
CA LEU A 124 -13.40 -15.09 2.09
C LEU A 124 -12.70 -13.97 2.85
N HIS A 132 -22.50 -19.17 -4.02
CA HIS A 132 -23.50 -19.08 -2.96
C HIS A 132 -23.39 -17.76 -2.19
N ARG A 133 -22.16 -17.38 -1.89
CA ARG A 133 -21.84 -16.04 -1.39
C ARG A 133 -21.37 -15.17 -2.56
N PRO A 134 -22.29 -14.36 -3.13
CA PRO A 134 -21.81 -13.36 -4.08
C PRO A 134 -20.99 -12.30 -3.32
N ILE A 135 -19.72 -12.13 -3.72
CA ILE A 135 -18.75 -11.31 -2.97
C ILE A 135 -18.02 -10.32 -3.89
N LEU A 136 -18.16 -9.03 -3.56
CA LEU A 136 -17.56 -7.93 -4.32
C LEU A 136 -16.37 -7.42 -3.53
N CYS A 137 -15.26 -7.17 -4.23
CA CYS A 137 -14.00 -6.77 -3.59
C CYS A 137 -13.33 -5.60 -4.27
N VAL A 138 -12.95 -4.60 -3.48
CA VAL A 138 -12.36 -3.35 -3.94
C VAL A 138 -10.98 -3.15 -3.28
N GLU A 139 -9.93 -3.24 -4.08
CA GLU A 139 -8.56 -3.02 -3.62
C GLU A 139 -8.14 -1.61 -3.99
N ILE A 140 -7.61 -0.85 -3.03
CA ILE A 140 -7.14 0.53 -3.28
C ILE A 140 -5.69 0.65 -2.84
N LYS A 141 -4.90 1.40 -3.59
CA LYS A 141 -3.53 1.75 -3.23
C LYS A 141 -3.57 3.26 -3.00
N PRO A 142 -3.94 3.69 -1.79
CA PRO A 142 -4.27 5.12 -1.59
C PRO A 142 -3.08 6.07 -1.68
N LYS A 143 -1.88 5.54 -1.39
CA LYS A 143 -0.61 6.29 -1.42
C LYS A 143 -0.56 7.27 -0.24
N CYS A 144 0.29 8.30 -0.28
CA CYS A 144 0.55 9.12 0.92
C CYS A 144 -0.55 10.14 1.21
N GLY A 145 -0.98 10.19 2.48
CA GLY A 145 -2.11 11.00 2.89
C GLY A 145 -1.83 12.39 3.43
N PHE A 146 -0.56 12.79 3.46
CA PHE A 146 -0.18 14.09 4.03
C PHE A 146 0.89 14.77 3.19
N ILE A 147 0.88 16.10 3.23
CA ILE A 147 1.89 16.94 2.57
C ILE A 147 2.96 17.31 3.62
N PRO A 148 4.25 17.17 3.26
CA PRO A 148 5.29 17.32 4.27
C PRO A 148 5.31 18.69 4.93
N PHE A 149 5.62 18.69 6.22
CA PHE A 149 5.69 19.89 7.06
C PHE A 149 7.12 20.25 7.49
N SER A 150 8.08 19.36 7.25
CA SER A 150 9.41 19.47 7.83
C SER A 150 10.18 20.66 7.27
N ASN A 151 10.99 21.25 8.13
CA ASN A 151 11.76 22.45 7.79
C ASN A 151 13.00 22.11 6.95
N ASP A 152 13.31 20.80 6.82
CA ASP A 152 14.34 20.28 5.89
C ASP A 152 14.08 20.47 4.39
N VAL A 153 12.82 20.66 4.02
CA VAL A 153 12.42 20.69 2.61
C VAL A 153 12.90 21.98 1.95
N THR A 154 13.75 21.83 0.93
CA THR A 154 14.38 22.97 0.24
C THR A 154 13.49 23.58 -0.86
N HIS A 155 12.65 22.75 -1.48
CA HIS A 155 11.74 23.19 -2.56
C HIS A 155 10.43 23.71 -1.95
N GLU A 156 9.94 24.86 -2.42
CA GLU A 156 8.70 25.47 -1.90
C GLU A 156 7.46 24.62 -2.22
N MET A 157 7.33 24.18 -3.47
CA MET A 157 6.15 23.44 -3.98
C MET A 157 5.75 22.20 -3.18
N LYS A 158 6.71 21.59 -2.48
CA LYS A 158 6.45 20.40 -1.64
C LYS A 158 5.57 20.64 -0.42
N HIS A 159 5.44 21.88 0.03
CA HIS A 159 4.53 22.22 1.12
C HIS A 159 3.08 22.46 0.67
N LYS A 160 2.88 22.69 -0.63
CA LYS A 160 1.56 23.03 -1.20
C LYS A 160 0.89 21.87 -1.93
N VAL A 161 1.68 21.08 -2.67
CA VAL A 161 1.18 19.94 -3.42
C VAL A 161 1.67 18.61 -2.83
N CYS A 162 0.80 17.60 -2.83
CA CYS A 162 1.15 16.28 -2.34
C CYS A 162 2.04 15.56 -3.32
N ARG A 163 2.76 14.55 -2.81
CA ARG A 163 3.66 13.71 -3.63
C ARG A 163 2.96 13.11 -4.84
N TYR A 164 1.83 12.46 -4.58
CA TYR A 164 1.04 11.80 -5.62
C TYR A 164 0.76 12.71 -6.83
N CYS A 165 0.17 13.87 -6.56
CA CYS A 165 -0.25 14.82 -7.61
C CYS A 165 0.92 15.36 -8.45
N MET A 166 2.05 15.66 -7.81
CA MET A 166 3.26 16.03 -8.55
C MET A 166 3.73 14.90 -9.45
N HIS A 167 3.82 13.70 -8.87
CA HIS A 167 4.31 12.48 -9.57
C HIS A 167 3.56 12.21 -10.88
N GLN A 168 2.24 12.21 -10.79
CA GLN A 168 1.36 11.97 -11.95
C GLN A 168 1.86 12.56 -13.27
N HIS A 169 2.43 13.75 -13.20
CA HIS A 169 3.00 14.42 -14.37
C HIS A 169 4.06 13.57 -15.01
N LEU A 170 5.07 13.20 -14.22
CA LEU A 170 6.22 12.48 -14.73
C LEU A 170 5.84 11.08 -15.24
N LYS A 171 4.78 10.48 -14.68
CA LYS A 171 4.29 9.17 -15.16
C LYS A 171 3.67 9.25 -16.54
N VAL A 172 2.83 10.27 -16.76
CA VAL A 172 2.18 10.48 -18.06
C VAL A 172 3.19 10.97 -19.12
N ALA A 173 4.16 11.79 -18.73
CA ALA A 173 5.23 12.23 -19.62
C ALA A 173 6.16 11.07 -19.99
N THR A 174 6.41 10.18 -19.04
CA THR A 174 7.14 8.92 -19.29
C THR A 174 6.37 7.96 -20.19
N GLY A 175 5.05 7.95 -20.08
CA GLY A 175 4.21 6.99 -20.79
C GLY A 175 4.01 5.70 -19.99
N LYS A 176 3.84 5.85 -18.69
CA LYS A 176 3.41 4.76 -17.80
C LYS A 176 1.87 4.70 -17.87
N TRP A 177 1.23 5.87 -17.78
CA TRP A 177 -0.23 6.00 -17.90
C TRP A 177 -0.61 7.01 -18.96
N LYS A 178 -1.83 6.88 -19.50
CA LYS A 178 -2.26 7.69 -20.64
C LYS A 178 -2.58 9.15 -20.27
N LYS A 179 -3.06 9.42 -19.05
CA LYS A 179 -3.43 10.78 -18.67
C LYS A 179 -3.43 11.06 -17.18
N ILE A 180 -3.51 12.36 -16.84
CA ILE A 180 -3.40 12.84 -15.47
C ILE A 180 -4.61 12.34 -14.66
N SER A 181 -4.40 11.91 -13.41
CA SER A 181 -5.50 11.56 -12.52
C SER A 181 -5.88 12.77 -11.64
N LYS A 182 -7.19 12.94 -11.47
CA LYS A 182 -7.75 14.01 -10.65
C LYS A 182 -7.83 13.62 -9.17
N TYR A 183 -7.59 12.33 -8.89
CA TYR A 183 -7.41 11.83 -7.53
C TYR A 183 -6.25 12.54 -6.82
N CYS A 184 -6.53 13.11 -5.65
CA CYS A 184 -5.50 13.53 -4.71
C CYS A 184 -5.73 12.68 -3.46
N PRO A 185 -4.67 12.11 -2.88
CA PRO A 185 -4.91 11.29 -1.69
C PRO A 185 -5.51 12.05 -0.50
N LEU A 186 -5.22 13.35 -0.37
CA LEU A 186 -5.74 14.16 0.74
C LEU A 186 -7.27 14.28 0.74
N ASP A 187 -7.87 14.21 -0.44
CA ASP A 187 -9.32 14.09 -0.55
C ASP A 187 -9.78 12.83 0.17
N LEU A 188 -9.16 11.71 -0.14
CA LEU A 188 -9.52 10.40 0.44
C LEU A 188 -9.19 10.32 1.93
N TYR A 189 -8.01 10.79 2.30
CA TYR A 189 -7.56 10.81 3.70
C TYR A 189 -8.18 11.91 4.57
N SER A 190 -8.89 12.87 3.98
CA SER A 190 -9.70 13.81 4.77
C SER A 190 -10.93 13.07 5.29
N GLY A 191 -11.55 13.60 6.34
CA GLY A 191 -12.78 13.02 6.85
C GLY A 191 -14.03 13.20 5.98
N ASN A 192 -14.01 14.20 5.09
N ASN A 192 -14.01 14.19 5.08
CA ASN A 192 -15.21 14.64 4.37
CA ASN A 192 -15.21 14.64 4.38
C ASN A 192 -15.70 13.62 3.33
C ASN A 192 -15.70 13.64 3.33
N LYS A 193 -16.96 13.23 3.46
CA LYS A 193 -17.63 12.30 2.51
C LYS A 193 -17.72 12.82 1.09
N GLN A 194 -17.95 14.13 0.96
CA GLN A 194 -18.03 14.78 -0.35
C GLN A 194 -16.66 14.73 -1.09
N ARG A 195 -15.58 15.00 -0.34
CA ARG A 195 -14.22 14.85 -0.86
C ARG A 195 -13.89 13.39 -1.14
N MET A 196 -14.18 12.53 -0.16
CA MET A 196 -13.95 11.08 -0.31
C MET A 196 -14.66 10.49 -1.51
N HIS A 197 -15.90 10.92 -1.75
CA HIS A 197 -16.65 10.51 -2.94
C HIS A 197 -15.92 10.99 -4.21
N PHE A 198 -15.55 12.26 -4.24
CA PHE A 198 -14.89 12.81 -5.41
C PHE A 198 -13.63 12.01 -5.76
N ALA A 199 -12.82 11.72 -4.75
CA ALA A 199 -11.56 10.98 -4.95
C ALA A 199 -11.83 9.57 -5.47
N LEU A 200 -12.79 8.89 -4.85
CA LEU A 200 -13.24 7.57 -5.34
C LEU A 200 -13.79 7.63 -6.77
N ARG A 201 -14.53 8.67 -7.09
CA ARG A 201 -14.95 8.90 -8.47
C ARG A 201 -13.72 9.09 -9.36
N SER A 202 -12.76 9.86 -8.88
CA SER A 202 -11.53 10.14 -9.63
C SER A 202 -10.66 8.90 -9.83
N LEU A 203 -10.69 7.96 -8.89
CA LEU A 203 -9.98 6.67 -9.05
C LEU A 203 -10.66 5.78 -10.09
N LEU A 204 -11.99 5.78 -10.13
CA LEU A 204 -12.73 5.01 -11.12
C LEU A 204 -12.48 5.47 -12.57
N GLN A 205 -12.31 6.78 -12.76
CA GLN A 205 -12.02 7.37 -14.09
C GLN A 205 -10.58 7.07 -14.56
N GLU A 206 -9.64 7.06 -13.62
CA GLU A 206 -8.24 6.81 -13.96
C GLU A 206 -7.64 5.84 -12.94
N THR A 207 -7.88 4.54 -13.19
CA THR A 207 -7.54 3.46 -12.24
C THR A 207 -6.04 3.26 -12.05
N GLN A 208 -5.31 3.25 -13.16
CA GLN A 208 -3.85 3.14 -13.12
C GLN A 208 -3.48 1.89 -12.29
N ASN A 209 -2.86 2.07 -11.13
CA ASN A 209 -2.54 0.99 -10.19
C ASN A 209 -3.07 1.34 -8.81
N ASN A 210 -4.14 2.12 -8.76
CA ASN A 210 -4.70 2.61 -7.51
C ASN A 210 -6.12 2.10 -7.22
N LEU A 211 -6.71 1.36 -8.15
CA LEU A 211 -8.00 0.73 -7.94
C LEU A 211 -8.10 -0.53 -8.78
N ARG A 212 -8.51 -1.62 -8.16
CA ARG A 212 -8.90 -2.86 -8.84
C ARG A 212 -10.21 -3.33 -8.23
N ILE A 213 -11.11 -3.86 -9.06
CA ILE A 213 -12.38 -4.37 -8.56
C ILE A 213 -12.53 -5.84 -8.96
N PHE A 214 -12.90 -6.65 -7.98
CA PHE A 214 -13.12 -8.08 -8.17
C PHE A 214 -14.54 -8.46 -7.80
N LYS A 215 -15.04 -9.52 -8.44
CA LYS A 215 -16.33 -10.13 -8.09
C LYS A 215 -16.16 -11.64 -8.19
N ASN A 216 -16.32 -12.32 -7.05
CA ASN A 216 -16.23 -13.79 -6.98
C ASN A 216 -14.91 -14.34 -7.55
N GLY A 217 -13.82 -13.71 -7.13
CA GLY A 217 -12.46 -14.17 -7.48
C GLY A 217 -11.97 -13.76 -8.85
N GLU A 218 -12.62 -12.79 -9.48
CA GLU A 218 -12.37 -12.41 -10.87
C GLU A 218 -12.18 -10.90 -10.99
N LEU A 219 -11.10 -10.48 -11.66
CA LEU A 219 -10.83 -9.05 -11.92
C LEU A 219 -11.79 -8.49 -12.95
N ILE A 220 -12.58 -7.49 -12.56
CA ILE A 220 -13.59 -6.92 -13.43
C ILE A 220 -13.37 -5.43 -13.77
N TYR A 221 -12.26 -4.82 -13.34
CA TYR A 221 -12.02 -3.41 -13.68
C TYR A 221 -10.54 -3.00 -13.89
N GLY A 222 -9.84 -2.49 -12.88
CA GLY A 222 -8.64 -1.66 -13.13
C GLY A 222 -7.31 -2.34 -13.42
N CYS A 223 -7.23 -3.02 -14.56
CA CYS A 223 -6.08 -3.89 -15.00
C CYS A 223 -5.00 -4.24 -13.94
N ASP A 232 -14.16 0.76 -19.01
CA ASP A 232 -15.56 1.04 -19.29
C ASP A 232 -16.39 1.16 -18.01
N LEU A 233 -16.71 2.41 -17.66
CA LEU A 233 -17.55 2.77 -16.51
C LEU A 233 -18.91 2.08 -16.53
N LYS A 234 -19.49 1.99 -17.71
CA LYS A 234 -20.82 1.41 -17.90
C LYS A 234 -20.79 -0.11 -17.87
N GLU A 235 -19.70 -0.73 -18.33
CA GLU A 235 -19.54 -2.20 -18.25
C GLU A 235 -19.40 -2.69 -16.81
N LEU A 236 -18.85 -1.85 -15.93
CA LEU A 236 -18.79 -2.16 -14.51
C LEU A 236 -20.19 -2.35 -13.95
N ALA A 237 -21.07 -1.41 -14.25
CA ALA A 237 -22.47 -1.45 -13.79
C ALA A 237 -23.21 -2.76 -14.16
N HIS A 238 -22.84 -3.39 -15.27
CA HIS A 238 -23.38 -4.74 -15.61
C HIS A 238 -23.14 -5.76 -14.49
N HIS A 239 -21.92 -5.76 -13.95
CA HIS A 239 -21.53 -6.72 -12.92
C HIS A 239 -21.94 -6.32 -11.52
N LEU A 240 -22.15 -5.01 -11.30
CA LEU A 240 -22.53 -4.49 -9.99
C LEU A 240 -24.03 -4.28 -9.79
N LYS A 241 -24.83 -4.37 -10.86
CA LYS A 241 -26.29 -4.21 -10.72
C LYS A 241 -26.86 -5.29 -9.79
N PRO A 242 -26.50 -6.58 -10.01
CA PRO A 242 -26.96 -7.67 -9.13
C PRO A 242 -26.64 -7.50 -7.64
N PHE A 243 -25.56 -6.79 -7.33
CA PHE A 243 -25.22 -6.47 -5.94
C PHE A 243 -26.18 -5.50 -5.28
N PHE A 244 -26.11 -4.23 -5.68
CA PHE A 244 -26.83 -3.16 -4.98
C PHE A 244 -28.34 -3.17 -5.27
N PHE A 245 -28.75 -3.85 -6.33
CA PHE A 245 -30.17 -4.02 -6.67
C PHE A 245 -30.42 -5.49 -7.09
N PRO A 246 -30.66 -6.38 -6.11
CA PRO A 246 -30.67 -7.83 -6.41
C PRO A 246 -31.99 -8.38 -6.96
N SER A 252 -38.78 -5.37 -11.21
CA SER A 252 -37.33 -5.23 -11.30
C SER A 252 -36.93 -3.86 -11.85
N GLY A 253 -35.70 -3.44 -11.55
CA GLY A 253 -35.13 -2.22 -12.14
C GLY A 253 -35.92 -0.94 -11.92
N PRO A 254 -35.74 0.06 -12.82
CA PRO A 254 -34.67 0.23 -13.80
C PRO A 254 -33.67 1.25 -13.28
N HIS A 255 -32.39 0.85 -13.21
CA HIS A 255 -31.33 1.68 -12.62
C HIS A 255 -30.23 1.97 -13.65
N CYS A 256 -30.00 3.24 -13.94
CA CYS A 256 -28.92 3.63 -14.86
C CYS A 256 -27.56 3.32 -14.23
N THR A 257 -26.48 3.47 -15.01
CA THR A 257 -25.10 3.25 -14.49
C THR A 257 -24.79 4.26 -13.40
N LYS A 258 -25.20 5.50 -13.62
CA LYS A 258 -25.06 6.59 -12.64
C LYS A 258 -25.50 6.21 -11.23
N ALA A 259 -26.56 5.40 -11.12
CA ALA A 259 -27.03 4.88 -9.83
C ALA A 259 -26.15 3.74 -9.32
N VAL A 260 -25.85 2.78 -10.19
CA VAL A 260 -25.08 1.58 -9.80
C VAL A 260 -23.67 1.94 -9.38
N ILE A 261 -23.12 2.99 -10.00
CA ILE A 261 -21.80 3.50 -9.63
C ILE A 261 -21.84 4.29 -8.33
N ARG A 262 -22.89 5.08 -8.11
CA ARG A 262 -22.98 5.94 -6.93
C ARG A 262 -23.08 5.14 -5.63
N GLU A 263 -23.81 4.02 -5.66
CA GLU A 263 -23.89 3.13 -4.50
C GLU A 263 -22.52 2.61 -4.10
N LEU A 264 -21.72 2.24 -5.10
CA LEU A 264 -20.35 1.79 -4.86
C LEU A 264 -19.55 2.86 -4.15
N VAL A 265 -19.57 4.06 -4.70
CA VAL A 265 -18.86 5.20 -4.12
C VAL A 265 -19.30 5.48 -2.67
N HIS A 266 -20.60 5.37 -2.41
CA HIS A 266 -21.16 5.65 -1.07
C HIS A 266 -20.82 4.55 -0.07
N VAL A 267 -21.01 3.29 -0.48
CA VAL A 267 -20.70 2.12 0.34
C VAL A 267 -19.21 2.07 0.72
N ILE A 268 -18.34 2.29 -0.26
CA ILE A 268 -16.90 2.31 -0.04
C ILE A 268 -16.51 3.43 0.92
N THR A 269 -17.09 4.62 0.75
CA THR A 269 -16.81 5.73 1.66
C THR A 269 -17.22 5.43 3.11
N ARG A 270 -18.39 4.81 3.29
CA ARG A 270 -18.83 4.42 4.63
C ARG A 270 -17.93 3.36 5.25
N VAL A 271 -17.49 2.37 4.47
CA VAL A 271 -16.57 1.33 4.96
C VAL A 271 -15.18 1.91 5.31
N LEU A 272 -14.72 2.92 4.57
CA LEU A 272 -13.47 3.61 4.92
C LEU A 272 -13.61 4.46 6.17
N LEU A 273 -14.79 5.04 6.39
CA LEU A 273 -15.11 5.77 7.63
C LEU A 273 -15.62 4.86 8.76
N SER A 274 -15.64 3.55 8.52
CA SER A 274 -16.00 2.58 9.54
C SER A 274 -14.90 2.44 10.57
N SER A 275 -15.29 2.25 11.83
CA SER A 275 -14.33 1.96 12.91
C SER A 275 -14.98 1.16 14.05
N SER A 276 -14.26 0.18 14.57
CA SER A 276 -14.64 -0.58 15.76
C SER A 276 -13.84 -0.14 17.01
N GLU A 277 -13.08 0.97 16.90
CA GLU A 277 -12.16 1.41 17.96
C GLU A 277 -12.05 2.95 18.03
N LYS A 278 -13.17 3.61 18.31
CA LYS A 278 -13.20 5.08 18.44
C LYS A 278 -12.59 5.58 19.77
N ALA A 279 -12.33 4.67 20.71
CA ALA A 279 -11.92 5.04 22.06
C ALA A 279 -10.43 4.92 22.33
N ARG A 280 -9.85 3.76 22.04
CA ARG A 280 -8.51 3.44 22.55
C ARG A 280 -7.40 4.36 21.99
N ALA A 281 -6.34 4.51 22.79
CA ALA A 281 -5.17 5.29 22.41
C ALA A 281 -4.30 4.42 21.52
N GLY A 282 -3.92 4.95 20.35
CA GLY A 282 -3.07 4.22 19.41
C GLY A 282 -1.64 4.08 19.90
N ALA A 283 -0.82 3.38 19.11
CA ALA A 283 0.61 3.29 19.35
C ALA A 283 1.28 4.64 19.05
N LEU A 284 1.04 5.15 17.86
CA LEU A 284 1.60 6.43 17.42
C LEU A 284 0.53 7.49 17.61
N ARG A 285 0.81 8.49 18.45
CA ARG A 285 -0.09 9.65 18.61
C ARG A 285 0.52 10.87 17.93
N LEU A 286 0.82 10.73 16.64
CA LEU A 286 1.39 11.81 15.85
C LEU A 286 0.29 12.79 15.45
N GLY A 287 0.50 14.07 15.78
CA GLY A 287 -0.48 15.12 15.49
C GLY A 287 -0.54 15.46 14.01
N LEU A 288 -1.76 15.78 13.54
CA LEU A 288 -1.99 16.14 12.14
C LEU A 288 -1.31 17.47 11.81
N GLN A 289 -0.34 17.42 10.89
CA GLN A 289 0.41 18.61 10.45
C GLN A 289 0.78 18.53 8.97
N PRO A 291 -0.75 20.64 6.72
CA PRO A 291 -1.75 20.90 5.69
C PRO A 291 -2.81 19.81 5.56
N ARG A 292 -4.05 20.24 5.29
CA ARG A 292 -5.22 19.36 5.14
C ARG A 292 -5.76 19.34 3.69
N VAL A 293 -5.40 20.33 2.87
CA VAL A 293 -5.89 20.45 1.49
C VAL A 293 -4.73 20.71 0.51
N CYS A 294 -4.71 19.92 -0.56
CA CYS A 294 -3.70 20.04 -1.62
C CYS A 294 -4.12 21.10 -2.63
N GLU A 295 -3.13 21.80 -3.17
CA GLU A 295 -3.39 22.87 -4.11
C GLU A 295 -3.83 22.33 -5.47
N ALA A 296 -3.25 21.20 -5.87
CA ALA A 296 -3.52 20.58 -7.18
C ALA A 296 -4.87 19.87 -7.30
N SER A 297 -5.45 19.45 -6.16
CA SER A 297 -6.74 18.73 -6.15
C SER A 297 -7.83 19.56 -6.82
N PRO A 298 -8.40 19.06 -7.93
CA PRO A 298 -9.49 19.80 -8.59
C PRO A 298 -10.85 19.40 -8.02
N PHE A 299 -11.34 20.13 -7.03
CA PHE A 299 -12.58 19.80 -6.34
C PHE A 299 -13.25 21.01 -5.66
N SER A 300 -14.59 21.05 -5.72
CA SER A 300 -15.48 21.73 -4.74
C SER A 300 -16.79 22.37 -5.20
N SER A 314 -12.93 17.87 9.27
CA SER A 314 -12.46 18.19 10.74
C SER A 314 -11.48 16.94 11.07
N GLY A 315 -11.79 15.89 10.29
CA GLY A 315 -11.00 14.64 10.26
C GLY A 315 -11.44 13.18 10.27
N LEU A 316 -10.47 12.28 10.09
CA LEU A 316 -10.79 10.84 9.98
C LEU A 316 -11.22 10.24 11.32
N PRO A 317 -12.11 9.23 11.29
CA PRO A 317 -12.48 8.49 12.50
C PRO A 317 -11.29 7.81 13.15
N LYS A 318 -11.24 7.80 14.48
CA LYS A 318 -10.02 7.41 15.18
C LYS A 318 -9.62 5.95 14.98
N GLY A 319 -10.57 5.04 14.90
CA GLY A 319 -10.28 3.60 14.74
C GLY A 319 -10.16 3.10 13.30
N CYS A 320 -10.46 3.96 12.33
CA CYS A 320 -10.57 3.53 10.94
C CYS A 320 -9.20 3.24 10.36
N LEU A 321 -9.15 2.28 9.44
CA LEU A 321 -7.90 1.81 8.85
C LEU A 321 -7.08 2.93 8.19
N LEU A 322 -7.74 3.88 7.53
CA LEU A 322 -7.05 5.04 6.94
C LEU A 322 -6.33 5.85 7.98
N TYR A 323 -7.00 6.12 9.09
CA TYR A 323 -6.39 6.88 10.18
C TYR A 323 -5.17 6.17 10.76
N LYS A 324 -5.27 4.86 10.92
CA LYS A 324 -4.17 4.07 11.47
C LYS A 324 -3.05 3.94 10.44
N THR A 325 -3.42 3.79 9.17
CA THR A 325 -2.47 3.84 8.08
C THR A 325 -1.80 5.22 8.03
N LEU A 326 -2.57 6.30 8.16
CA LEU A 326 -2.01 7.65 8.12
C LEU A 326 -0.99 7.90 9.23
N GLN A 327 -1.25 7.40 10.44
CA GLN A 327 -0.29 7.55 11.56
C GLN A 327 1.06 6.91 11.23
N VAL A 328 1.05 5.69 10.69
CA VAL A 328 2.30 5.00 10.36
C VAL A 328 3.08 5.81 9.31
N GLN A 329 2.38 6.41 8.36
CA GLN A 329 3.02 7.24 7.34
C GLN A 329 3.67 8.51 7.93
N MET A 330 3.11 9.02 9.04
CA MET A 330 3.63 10.22 9.70
C MET A 330 5.02 10.04 10.33
N LEU A 331 5.43 8.79 10.60
CA LEU A 331 6.81 8.43 11.05
C LEU A 331 7.94 9.06 10.23
N ASP A 332 7.66 9.41 8.98
CA ASP A 332 8.49 10.33 8.22
C ASP A 332 8.26 11.77 8.74
N GLN A 333 8.80 12.07 9.93
CA GLN A 333 8.63 13.40 10.56
C GLN A 333 9.53 14.42 9.89
N LEU A 334 10.77 14.01 9.62
CA LEU A 334 11.65 14.73 8.70
C LEU A 334 11.12 14.39 7.30
N ASP A 335 11.56 15.11 6.27
CA ASP A 335 11.26 14.67 4.91
C ASP A 335 12.39 13.71 4.51
N ILE A 336 12.34 13.16 3.30
CA ILE A 336 13.50 12.48 2.72
C ILE A 336 14.75 13.38 2.52
N GLU A 337 14.60 14.70 2.60
CA GLU A 337 15.68 15.64 2.26
C GLU A 337 16.95 15.84 3.14
N GLY A 338 16.92 15.79 4.47
CA GLY A 338 15.80 15.39 5.34
C GLY A 338 16.24 14.20 6.19
N LEU A 339 15.81 13.02 5.79
CA LEU A 339 16.25 11.75 6.33
C LEU A 339 17.56 11.27 5.67
N TYR A 340 17.80 11.68 4.43
CA TYR A 340 18.98 11.22 3.66
C TYR A 340 20.35 11.60 4.26
N PRO A 341 20.52 12.82 4.80
CA PRO A 341 21.74 13.14 5.56
C PRO A 341 22.03 12.14 6.67
N LEU A 342 20.99 11.80 7.43
CA LEU A 342 21.08 10.79 8.47
C LEU A 342 21.37 9.40 7.92
N TYR A 343 20.80 9.06 6.76
CA TYR A 343 21.12 7.79 6.12
C TYR A 343 22.62 7.65 5.88
N LYS A 344 23.25 8.72 5.39
CA LYS A 344 24.70 8.73 5.17
C LYS A 344 25.48 8.61 6.49
N ARG A 345 24.97 9.22 7.56
CA ARG A 345 25.58 9.09 8.89
C ARG A 345 25.61 7.65 9.35
N VAL A 346 24.49 6.95 9.21
CA VAL A 346 24.42 5.52 9.49
C VAL A 346 25.32 4.77 8.54
N GLU A 347 25.31 5.15 7.26
CA GLU A 347 26.06 4.42 6.24
C GLU A 347 27.56 4.44 6.52
N GLN A 348 28.13 5.62 6.81
CA GLN A 348 29.57 5.71 7.03
C GLN A 348 30.01 4.94 8.27
N TYR A 349 29.15 4.89 9.30
CA TYR A 349 29.41 4.05 10.48
C TYR A 349 29.47 2.57 10.09
N LEU A 350 28.44 2.09 9.40
CA LEU A 350 28.38 0.69 9.01
C LEU A 350 29.50 0.28 8.03
N GLU A 351 30.06 1.23 7.28
CA GLU A 351 31.22 0.93 6.43
C GLU A 351 32.50 0.85 7.27
N GLU A 352 32.62 1.72 8.28
CA GLU A 352 33.70 1.60 9.28
C GLU A 352 33.63 0.25 10.01
N PHE A 353 32.41 -0.19 10.34
CA PHE A 353 32.17 -1.45 11.05
C PHE A 353 31.10 -2.28 10.31
N PRO A 354 31.51 -3.14 9.37
CA PRO A 354 30.53 -3.89 8.57
C PRO A 354 29.84 -5.05 9.29
N GLU A 355 30.45 -5.57 10.35
CA GLU A 355 29.85 -6.63 11.15
C GLU A 355 28.70 -6.08 11.99
N GLU A 356 28.74 -4.76 12.24
CA GLU A 356 27.65 -4.04 12.90
C GLU A 356 26.29 -4.10 12.18
N ARG A 357 26.31 -4.14 10.84
CA ARG A 357 25.09 -4.27 10.02
C ARG A 357 24.18 -5.41 10.51
N LYS A 358 24.77 -6.56 10.83
CA LYS A 358 24.04 -7.71 11.39
C LYS A 358 23.60 -7.49 12.84
N THR A 359 24.54 -7.11 13.69
CA THR A 359 24.23 -6.93 15.12
C THR A 359 23.23 -5.78 15.40
N LEU A 360 23.27 -4.72 14.60
CA LEU A 360 22.30 -3.60 14.76
C LEU A 360 20.91 -3.81 14.10
N GLN A 361 20.62 -5.05 13.68
CA GLN A 361 19.30 -5.44 13.17
C GLN A 361 18.80 -4.60 12.01
N ILE A 362 19.71 -4.24 11.11
CA ILE A 362 19.38 -3.36 9.99
C ILE A 362 18.42 -4.11 9.07
N ASP A 363 18.86 -5.27 8.59
CA ASP A 363 18.08 -6.11 7.70
C ASP A 363 17.50 -7.32 8.44
N GLY A 364 17.21 -7.16 9.72
CA GLY A 364 16.58 -8.20 10.54
C GLY A 364 17.35 -8.58 11.80
N PRO A 365 16.65 -9.17 12.79
CA PRO A 365 15.24 -9.56 12.74
C PRO A 365 14.32 -8.40 13.12
N TYR A 366 13.12 -8.37 12.52
CA TYR A 366 12.12 -7.36 12.82
C TYR A 366 11.25 -7.93 13.93
N ASP A 367 11.79 -7.87 15.15
CA ASP A 367 11.18 -8.52 16.31
C ASP A 367 10.69 -7.48 17.34
N GLU A 368 10.37 -7.96 18.54
CA GLU A 368 9.77 -7.13 19.59
C GLU A 368 10.68 -5.96 20.01
N VAL A 369 12.00 -6.17 19.93
CA VAL A 369 12.98 -5.09 20.20
C VAL A 369 13.09 -4.10 19.03
N PHE A 370 13.03 -4.60 17.79
CA PHE A 370 12.97 -3.72 16.61
C PHE A 370 11.80 -2.77 16.76
N TYR A 371 10.65 -3.33 17.13
CA TYR A 371 9.44 -2.54 17.33
C TYR A 371 9.65 -1.40 18.32
N GLN A 372 10.15 -1.74 19.51
CA GLN A 372 10.25 -0.77 20.61
C GLN A 372 11.18 0.38 20.28
N LYS A 373 12.23 0.10 19.51
CA LYS A 373 13.10 1.17 19.03
C LYS A 373 12.36 2.21 18.19
N LEU A 374 11.40 1.76 17.39
CA LEU A 374 10.58 2.67 16.58
C LEU A 374 9.72 3.65 17.38
N LEU A 375 9.42 3.33 18.64
CA LEU A 375 8.54 4.17 19.45
C LEU A 375 9.10 5.57 19.81
N ASP A 376 10.43 5.75 19.79
CA ASP A 376 11.02 7.05 20.13
C ASP A 376 10.73 8.11 19.05
N LEU A 377 9.72 8.94 19.30
CA LEU A 377 9.30 10.00 18.36
C LEU A 377 10.16 11.28 18.35
N SER A 378 11.03 11.45 19.35
CA SER A 378 11.81 12.70 19.48
C SER A 378 12.51 13.07 18.17
N THR A 379 12.29 14.29 17.68
CA THR A 379 12.76 14.72 16.36
C THR A 379 14.04 15.58 16.33
N GLU A 380 14.58 15.92 17.50
CA GLU A 380 15.70 16.87 17.59
C GLU A 380 17.06 16.16 17.67
N ASP A 381 17.91 16.47 16.70
CA ASP A 381 19.10 15.68 16.41
C ASP A 381 20.23 15.97 17.40
N ASP A 382 20.78 14.90 17.98
CA ASP A 382 21.92 14.99 18.88
C ASP A 382 23.24 14.51 18.22
N GLY A 383 23.26 14.45 16.90
CA GLY A 383 24.47 14.11 16.15
C GLY A 383 24.98 12.68 16.24
N THR A 384 24.19 11.79 16.85
CA THR A 384 24.63 10.41 17.10
C THR A 384 24.22 9.51 15.96
N VAL A 385 24.90 8.37 15.89
CA VAL A 385 24.48 7.27 15.02
C VAL A 385 23.12 6.77 15.50
N ALA A 386 22.98 6.54 16.81
CA ALA A 386 21.74 6.01 17.41
C ALA A 386 20.48 6.74 16.98
N PHE A 387 20.54 8.06 17.02
CA PHE A 387 19.44 8.90 16.57
C PHE A 387 19.19 8.74 15.07
N ALA A 388 20.25 8.83 14.28
CA ALA A 388 20.17 8.68 12.84
C ALA A 388 19.65 7.32 12.42
N LEU A 389 20.04 6.28 13.16
CA LEU A 389 19.60 4.92 12.86
C LEU A 389 18.10 4.75 13.11
N THR A 390 17.63 5.24 14.24
CA THR A 390 16.20 5.18 14.57
C THR A 390 15.30 5.81 13.49
N LYS A 391 15.67 7.00 13.01
CA LYS A 391 14.88 7.69 11.98
C LYS A 391 14.89 6.95 10.64
N VAL A 392 16.01 6.30 10.32
CA VAL A 392 16.12 5.48 9.11
C VAL A 392 15.14 4.31 9.13
N GLN A 393 14.97 3.69 10.30
CA GLN A 393 14.03 2.57 10.44
C GLN A 393 12.58 3.05 10.46
N GLN A 394 12.33 4.22 11.07
CA GLN A 394 10.99 4.82 11.06
C GLN A 394 10.53 5.24 9.66
N TYR A 395 11.47 5.76 8.88
CA TYR A 395 11.18 6.15 7.51
C TYR A 395 10.80 4.94 6.67
N ARG A 396 11.62 3.87 6.72
CA ARG A 396 11.34 2.60 6.03
C ARG A 396 9.97 2.05 6.36
N VAL A 397 9.58 2.16 7.62
CA VAL A 397 8.26 1.74 8.07
C VAL A 397 7.16 2.60 7.44
N ALA A 398 7.32 3.92 7.49
CA ALA A 398 6.39 4.90 6.87
C ALA A 398 6.29 4.73 5.35
N MET A 399 7.44 4.46 4.75
CA MET A 399 7.60 4.10 3.34
C MET A 399 6.78 2.84 2.98
N THR A 400 6.72 1.88 3.91
CA THR A 400 5.92 0.69 3.72
C THR A 400 4.43 0.95 3.90
N ALA A 401 4.07 1.84 4.83
CA ALA A 401 2.67 2.26 4.98
C ALA A 401 2.15 3.15 3.85
N LYS A 402 3.08 3.79 3.13
CA LYS A 402 2.76 4.65 1.97
C LYS A 402 2.59 3.91 0.64
N ASP A 403 3.01 2.64 0.57
CA ASP A 403 2.85 1.85 -0.66
C ASP A 403 1.89 0.68 -0.49
N CYS A 404 1.11 0.65 0.58
CA CYS A 404 0.31 -0.52 0.90
C CYS A 404 -1.09 -0.40 0.32
N SER A 405 -1.69 -1.54 -0.03
CA SER A 405 -3.06 -1.59 -0.57
C SER A 405 -4.08 -1.97 0.51
N ILE A 406 -5.33 -1.56 0.31
CA ILE A 406 -6.42 -1.83 1.25
C ILE A 406 -7.46 -2.65 0.50
N MET A 407 -7.88 -3.77 1.07
CA MET A 407 -8.86 -4.67 0.45
C MET A 407 -10.19 -4.58 1.20
N ILE A 408 -11.20 -4.01 0.55
CA ILE A 408 -12.54 -3.89 1.11
C ILE A 408 -13.41 -5.00 0.50
N ALA A 409 -13.95 -5.88 1.35
CA ALA A 409 -14.82 -6.96 0.90
C ALA A 409 -16.27 -6.61 1.20
N LEU A 410 -17.16 -6.92 0.26
CA LEU A 410 -18.59 -6.64 0.37
C LEU A 410 -19.37 -7.87 -0.06
N SER A 411 -20.28 -8.34 0.80
CA SER A 411 -21.11 -9.51 0.51
C SER A 411 -22.34 -9.54 1.43
N PRO A 412 -23.55 -9.78 0.88
CA PRO A 412 -24.69 -10.16 1.70
C PRO A 412 -24.87 -11.70 1.61
N CYS A 413 -25.24 -12.41 2.69
CA CYS A 413 -25.75 -11.92 3.98
C CYS A 413 -27.04 -11.10 3.81
N PRO A 423 -22.87 -9.58 11.02
CA PRO A 423 -21.63 -9.35 11.74
C PRO A 423 -21.32 -7.85 11.90
N VAL A 424 -21.00 -7.18 10.80
CA VAL A 424 -20.86 -5.71 10.71
C VAL A 424 -21.41 -5.26 9.34
N ILE A 425 -21.97 -4.05 9.26
CA ILE A 425 -22.70 -3.62 8.05
C ILE A 425 -22.76 -2.10 7.82
N PRO A 426 -22.57 -1.65 6.54
CA PRO A 426 -23.10 -0.38 6.10
C PRO A 426 -24.42 -0.65 5.41
N SER A 427 -25.44 0.15 5.69
CA SER A 427 -26.78 -0.14 5.20
C SER A 427 -27.10 0.66 3.94
N SER A 430 -29.46 -5.30 -0.47
CA SER A 430 -29.77 -5.25 0.96
C SER A 430 -28.49 -5.06 1.77
N ARG A 431 -28.64 -4.96 3.10
CA ARG A 431 -27.48 -4.69 3.99
C ARG A 431 -26.30 -5.66 3.81
N LEU A 432 -25.13 -5.06 3.59
CA LEU A 432 -23.93 -5.74 3.07
C LEU A 432 -22.91 -6.02 4.16
N ALA A 433 -22.59 -7.29 4.39
CA ALA A 433 -21.52 -7.65 5.32
C ALA A 433 -20.18 -7.26 4.70
N PHE A 434 -19.26 -6.76 5.53
CA PHE A 434 -17.97 -6.29 5.04
C PHE A 434 -16.80 -6.59 5.98
N SER A 435 -15.64 -6.82 5.36
CA SER A 435 -14.37 -6.95 6.04
C SER A 435 -13.41 -5.96 5.40
N VAL A 436 -12.41 -5.53 6.15
CA VAL A 436 -11.41 -4.56 5.68
C VAL A 436 -10.04 -5.11 6.03
N SER A 437 -9.14 -5.15 5.04
CA SER A 437 -7.81 -5.74 5.20
C SER A 437 -6.77 -4.84 4.58
N VAL A 438 -5.52 -4.97 5.02
CA VAL A 438 -4.39 -4.22 4.44
C VAL A 438 -3.35 -5.20 3.86
N LEU A 439 -2.70 -4.80 2.75
CA LEU A 439 -1.84 -5.66 1.93
C LEU A 439 -0.53 -4.96 1.57
N ASP A 440 0.36 -5.69 0.89
CA ASP A 440 1.68 -5.18 0.49
C ASP A 440 2.46 -4.61 1.69
N LEU A 441 2.50 -5.38 2.77
CA LEU A 441 3.17 -4.98 4.02
C LEU A 441 4.48 -5.73 4.24
N ASP A 442 5.41 -5.54 3.30
CA ASP A 442 6.79 -5.99 3.48
C ASP A 442 7.68 -4.76 3.55
N LEU A 443 8.69 -4.82 4.42
CA LEU A 443 9.47 -3.63 4.71
C LEU A 443 10.33 -3.24 3.52
N LYS A 444 10.35 -1.95 3.21
CA LYS A 444 11.22 -1.41 2.18
C LYS A 444 12.66 -1.53 2.63
N PRO A 445 13.56 -1.88 1.70
CA PRO A 445 14.95 -2.04 2.12
C PRO A 445 15.66 -0.73 2.51
N TYR A 446 16.54 -0.83 3.50
CA TYR A 446 17.52 0.20 3.86
C TYR A 446 18.30 0.74 2.64
N GLU A 447 18.62 -0.15 1.70
CA GLU A 447 19.49 0.16 0.57
C GLU A 447 18.85 1.14 -0.43
N SER A 448 17.52 1.19 -0.47
CA SER A 448 16.78 1.96 -1.47
C SER A 448 16.50 3.42 -1.08
N ILE A 449 17.04 3.88 0.05
CA ILE A 449 16.78 5.23 0.51
C ILE A 449 17.45 6.30 -0.37
N PRO A 450 18.68 6.03 -0.87
CA PRO A 450 19.25 6.92 -1.89
C PRO A 450 18.43 7.06 -3.17
N HIS A 451 17.85 5.97 -3.65
CA HIS A 451 16.94 6.03 -4.79
C HIS A 451 15.76 6.98 -4.53
N GLN A 452 15.19 6.90 -3.32
CA GLN A 452 14.08 7.78 -2.93
C GLN A 452 14.47 9.25 -2.84
N TYR A 453 15.72 9.53 -2.47
CA TYR A 453 16.24 10.89 -2.44
C TYR A 453 16.33 11.45 -3.85
N LYS A 454 16.93 10.68 -4.75
CA LYS A 454 17.12 11.12 -6.14
C LYS A 454 15.79 11.28 -6.88
N LEU A 455 14.87 10.36 -6.63
CA LEU A 455 13.55 10.38 -7.25
C LEU A 455 12.71 11.57 -6.77
N ASP A 456 12.89 11.96 -5.50
CA ASP A 456 12.20 13.13 -4.93
C ASP A 456 12.56 14.44 -5.64
N SER A 457 13.84 14.63 -5.92
CA SER A 457 14.29 15.80 -6.70
C SER A 457 13.65 15.84 -8.09
N LYS A 458 13.59 14.69 -8.76
CA LYS A 458 13.09 14.62 -10.13
C LYS A 458 11.61 14.94 -10.26
N ILE A 459 10.79 14.46 -9.33
CA ILE A 459 9.35 14.74 -9.33
C ILE A 459 9.08 16.24 -9.12
N VAL A 460 9.79 16.84 -8.18
CA VAL A 460 9.58 18.24 -7.81
C VAL A 460 10.08 19.18 -8.91
N ASN A 461 11.29 18.93 -9.39
CA ASN A 461 11.92 19.78 -10.41
C ASN A 461 11.19 19.73 -11.74
N TYR A 462 10.71 18.55 -12.13
CA TYR A 462 9.92 18.40 -13.37
C TYR A 462 8.54 19.03 -13.24
N TYR A 463 7.87 18.77 -12.13
CA TYR A 463 6.57 19.39 -11.87
C TYR A 463 6.67 20.91 -11.77
N SER A 464 7.71 21.42 -11.10
CA SER A 464 7.94 22.86 -11.02
C SER A 464 8.08 23.54 -12.37
N LYS A 465 8.60 22.83 -13.38
CA LYS A 465 8.57 23.32 -14.77
C LYS A 465 7.13 23.58 -15.24
N THR A 466 6.25 22.62 -14.99
CA THR A 466 4.82 22.74 -15.36
C THR A 466 4.00 23.80 -14.55
N VAL A 467 4.51 24.23 -13.38
CA VAL A 467 3.84 25.18 -12.47
C VAL A 467 2.36 24.90 -12.25
#